data_4IUL
#
_entry.id   4IUL
#
_cell.length_a   167.696
_cell.length_b   56.696
_cell.length_c   74.374
_cell.angle_alpha   90.00
_cell.angle_beta   112.05
_cell.angle_gamma   90.00
#
_symmetry.space_group_name_H-M   'C 1 2 1'
#
loop_
_entity.id
_entity.type
_entity.pdbx_description
1 polymer 'Eukaryotic translation initiation factor 4 gamma 2'
2 non-polymer 'SULFATE ION'
3 water water
#
_entity_poly.entity_id   1
_entity_poly.type   'polypeptide(L)'
_entity_poly.pdbx_seq_one_letter_code
;GAMGSNSAANNSANEKERHDAIFRKVRGILNKLTPEKFDKLCLELLNVGVESKLILKGVILLIVDKALEEPKYSSLYAQL
CLRLAEDAPNFDGPAAEGQPGQKQSTTFRRLLISKLQDEFENRTRNVDVYDKRENPLLPEEEEQRAIAKIKMLGNIKFIG
ELGKLDLIHESILHKCIKTLLEKKKRVQLKDMGEDLECLCQIMRTVGPRLDHERAKSLMDQYFARMCSLMLSKELPARIR
FLLQDTVELREHHWVPRKAFLDNGPKTI
;
_entity_poly.pdbx_strand_id   A,B
#
loop_
_chem_comp.id
_chem_comp.type
_chem_comp.name
_chem_comp.formula
SO4 non-polymer 'SULFATE ION' 'O4 S -2'
#
# COMPACT_ATOMS: atom_id res chain seq x y z
N ASN A 11 -20.04 -39.95 -10.17
CA ASN A 11 -18.84 -40.63 -10.74
C ASN A 11 -18.76 -42.07 -10.21
N SER A 12 -17.57 -42.65 -10.27
CA SER A 12 -17.36 -44.00 -9.81
C SER A 12 -16.74 -44.04 -8.43
N ALA A 13 -16.66 -45.23 -7.84
CA ALA A 13 -16.09 -45.39 -6.52
C ALA A 13 -14.56 -45.21 -6.61
N ASN A 14 -13.97 -45.60 -7.73
CA ASN A 14 -12.54 -45.47 -7.91
C ASN A 14 -12.16 -43.98 -8.01
N GLU A 15 -13.01 -43.20 -8.67
CA GLU A 15 -12.79 -41.77 -8.83
C GLU A 15 -12.82 -41.10 -7.44
N LYS A 16 -13.68 -41.62 -6.56
CA LYS A 16 -13.76 -41.09 -5.21
C LYS A 16 -12.47 -41.48 -4.47
N GLU A 17 -12.02 -42.72 -4.69
CA GLU A 17 -10.77 -43.19 -4.07
C GLU A 17 -9.58 -42.36 -4.56
N ARG A 18 -9.58 -42.01 -5.85
CA ARG A 18 -8.48 -41.22 -6.42
C ARG A 18 -8.44 -39.85 -5.73
N HIS A 19 -9.60 -39.23 -5.54
CA HIS A 19 -9.69 -37.94 -4.89
C HIS A 19 -9.19 -38.04 -3.45
N ASP A 20 -9.62 -39.08 -2.74
CA ASP A 20 -9.21 -39.26 -1.35
C ASP A 20 -7.70 -39.51 -1.19
N ALA A 21 -7.09 -40.22 -2.13
CA ALA A 21 -5.64 -40.48 -2.06
C ALA A 21 -4.85 -39.18 -2.28
N ILE A 22 -5.39 -38.29 -3.12
CA ILE A 22 -4.71 -37.02 -3.38
C ILE A 22 -4.68 -36.18 -2.11
N PHE A 23 -5.81 -36.14 -1.41
CA PHE A 23 -5.92 -35.38 -0.19
C PHE A 23 -4.99 -35.94 0.90
N ARG A 24 -4.84 -37.27 0.95
CA ARG A 24 -3.92 -37.85 1.94
C ARG A 24 -2.49 -37.43 1.58
N LYS A 25 -2.22 -37.33 0.28
CA LYS A 25 -0.89 -36.92 -0.18
C LYS A 25 -0.62 -35.46 0.14
N VAL A 26 -1.64 -34.61 -0.01
CA VAL A 26 -1.47 -33.19 0.29
C VAL A 26 -1.13 -32.99 1.76
N ARG A 27 -1.80 -33.75 2.62
CA ARG A 27 -1.56 -33.66 4.06
C ARG A 27 -0.09 -34.01 4.37
N GLY A 28 0.42 -35.08 3.74
CA GLY A 28 1.80 -35.46 3.96
C GLY A 28 2.76 -34.33 3.55
N ILE A 29 2.54 -33.76 2.38
CA ILE A 29 3.36 -32.66 1.88
C ILE A 29 3.39 -31.49 2.87
N LEU A 30 2.21 -31.09 3.36
CA LEU A 30 2.13 -30.00 4.31
C LEU A 30 2.89 -30.33 5.59
N ASN A 31 2.83 -31.59 6.01
CA ASN A 31 3.51 -32.00 7.23
C ASN A 31 5.03 -31.76 7.17
N LYS A 32 5.66 -32.17 6.08
CA LYS A 32 7.10 -31.98 5.96
C LYS A 32 7.53 -30.68 5.29
N LEU A 33 6.67 -29.66 5.35
CA LEU A 33 6.99 -28.35 4.74
C LEU A 33 7.92 -27.54 5.62
N THR A 34 9.04 -27.13 5.04
CA THR A 34 10.04 -26.33 5.76
C THR A 34 10.63 -25.26 4.85
N PRO A 35 11.12 -24.15 5.44
CA PRO A 35 11.73 -23.08 4.65
C PRO A 35 12.75 -23.63 3.68
N GLU A 36 13.47 -24.67 4.10
CA GLU A 36 14.50 -25.29 3.29
C GLU A 36 13.93 -26.20 2.20
N LYS A 37 12.80 -26.84 2.47
CA LYS A 37 12.17 -27.72 1.49
C LYS A 37 11.08 -27.04 0.68
N PHE A 38 10.68 -25.85 1.10
CA PHE A 38 9.61 -25.12 0.43
C PHE A 38 9.61 -25.26 -1.09
N ASP A 39 10.62 -24.67 -1.71
CA ASP A 39 10.74 -24.68 -3.16
C ASP A 39 10.37 -25.99 -3.84
N LYS A 40 10.87 -27.11 -3.33
CA LYS A 40 10.59 -28.41 -3.91
C LYS A 40 9.18 -28.95 -3.64
N LEU A 41 8.75 -28.90 -2.39
CA LEU A 41 7.42 -29.40 -2.03
C LEU A 41 6.34 -28.54 -2.65
N CYS A 42 6.65 -27.26 -2.83
CA CYS A 42 5.71 -26.31 -3.42
C CYS A 42 5.42 -26.75 -4.85
N LEU A 43 6.46 -27.17 -5.56
CA LEU A 43 6.31 -27.63 -6.94
C LEU A 43 5.48 -28.90 -7.01
N GLU A 44 5.67 -29.79 -6.04
CA GLU A 44 4.92 -31.04 -5.99
C GLU A 44 3.44 -30.74 -5.78
N LEU A 45 3.15 -29.84 -4.85
CA LEU A 45 1.77 -29.47 -4.55
C LEU A 45 1.08 -28.88 -5.77
N LEU A 46 1.82 -28.09 -6.56
CA LEU A 46 1.28 -27.48 -7.77
C LEU A 46 1.00 -28.52 -8.85
N ASN A 47 1.76 -29.61 -8.83
CA ASN A 47 1.61 -30.66 -9.83
C ASN A 47 0.32 -31.46 -9.69
N VAL A 48 -0.14 -31.65 -8.45
CA VAL A 48 -1.35 -32.46 -8.21
C VAL A 48 -2.54 -31.75 -7.55
N GLY A 49 -2.33 -30.55 -7.01
CA GLY A 49 -3.42 -29.85 -6.34
C GLY A 49 -4.17 -28.75 -7.05
N VAL A 50 -4.18 -28.73 -8.37
CA VAL A 50 -4.90 -27.68 -9.09
C VAL A 50 -5.78 -28.25 -10.20
N GLU A 51 -5.89 -29.56 -10.22
CA GLU A 51 -6.68 -30.27 -11.22
C GLU A 51 -8.10 -29.75 -11.49
N SER A 52 -8.86 -29.44 -10.44
CA SER A 52 -10.23 -28.97 -10.60
C SER A 52 -10.77 -28.21 -9.38
N LYS A 53 -12.02 -27.76 -9.46
CA LYS A 53 -12.62 -27.04 -8.35
C LYS A 53 -12.65 -27.88 -7.08
N LEU A 54 -13.12 -29.11 -7.22
CA LEU A 54 -13.23 -30.05 -6.10
C LEU A 54 -11.89 -30.24 -5.38
N ILE A 55 -10.83 -30.45 -6.14
CA ILE A 55 -9.50 -30.64 -5.56
C ILE A 55 -9.03 -29.35 -4.89
N LEU A 56 -9.34 -28.20 -5.49
CA LEU A 56 -8.96 -26.91 -4.89
C LEU A 56 -9.60 -26.73 -3.51
N LYS A 57 -10.88 -27.10 -3.39
CA LYS A 57 -11.59 -26.95 -2.11
C LYS A 57 -10.92 -27.72 -0.97
N GLY A 58 -10.46 -28.93 -1.27
CA GLY A 58 -9.80 -29.74 -0.25
C GLY A 58 -8.43 -29.19 0.11
N VAL A 59 -7.65 -28.87 -0.92
CA VAL A 59 -6.32 -28.30 -0.70
C VAL A 59 -6.39 -27.10 0.25
N ILE A 60 -7.34 -26.19 0.01
CA ILE A 60 -7.50 -25.00 0.85
C ILE A 60 -7.88 -25.38 2.27
N LEU A 61 -8.74 -26.39 2.40
CA LEU A 61 -9.17 -26.87 3.70
C LEU A 61 -7.97 -27.40 4.48
N LEU A 62 -7.10 -28.16 3.81
CA LEU A 62 -5.94 -28.74 4.48
C LEU A 62 -4.88 -27.71 4.87
N ILE A 63 -4.64 -26.73 3.98
CA ILE A 63 -3.65 -25.68 4.23
C ILE A 63 -4.03 -24.86 5.46
N VAL A 64 -5.27 -24.39 5.50
CA VAL A 64 -5.72 -23.60 6.64
C VAL A 64 -5.69 -24.45 7.92
N ASP A 65 -5.97 -25.74 7.76
CA ASP A 65 -5.94 -26.71 8.87
C ASP A 65 -4.54 -26.67 9.51
N LYS A 66 -3.51 -26.86 8.68
CA LYS A 66 -2.12 -26.87 9.12
C LYS A 66 -1.66 -25.51 9.67
N ALA A 67 -2.08 -24.42 9.05
CA ALA A 67 -1.70 -23.08 9.49
C ALA A 67 -2.11 -22.83 10.95
N LEU A 68 -3.32 -23.24 11.32
CA LEU A 68 -3.75 -23.03 12.70
C LEU A 68 -3.14 -24.03 13.68
N GLU A 69 -2.46 -25.06 13.17
CA GLU A 69 -1.81 -26.02 14.04
C GLU A 69 -0.38 -25.54 14.31
N GLU A 70 0.23 -24.89 13.33
CA GLU A 70 1.60 -24.37 13.46
C GLU A 70 1.68 -22.90 13.01
N PRO A 71 1.03 -21.98 13.76
CA PRO A 71 1.04 -20.56 13.41
C PRO A 71 2.43 -19.94 13.21
N LYS A 72 3.46 -20.62 13.72
CA LYS A 72 4.83 -20.13 13.59
C LYS A 72 5.22 -20.07 12.12
N TYR A 73 4.58 -20.89 11.31
CA TYR A 73 4.87 -20.91 9.88
C TYR A 73 3.84 -20.19 9.01
N SER A 74 3.03 -19.31 9.61
CA SER A 74 2.02 -18.56 8.85
C SER A 74 2.62 -18.05 7.54
N SER A 75 3.74 -17.35 7.70
CA SER A 75 4.49 -16.77 6.61
C SER A 75 4.72 -17.78 5.48
N LEU A 76 5.17 -18.98 5.84
CA LEU A 76 5.41 -20.04 4.87
C LEU A 76 4.15 -20.47 4.13
N TYR A 77 3.08 -20.71 4.89
CA TYR A 77 1.82 -21.14 4.29
C TYR A 77 1.20 -20.03 3.44
N ALA A 78 1.40 -18.79 3.86
CA ALA A 78 0.86 -17.66 3.11
C ALA A 78 1.51 -17.58 1.72
N GLN A 79 2.79 -17.92 1.66
CA GLN A 79 3.52 -17.91 0.40
C GLN A 79 3.02 -19.04 -0.49
N LEU A 80 2.66 -20.16 0.13
CA LEU A 80 2.16 -21.30 -0.61
C LEU A 80 0.81 -20.93 -1.26
N CYS A 81 -0.01 -20.19 -0.54
CA CYS A 81 -1.30 -19.76 -1.06
C CYS A 81 -1.11 -18.79 -2.24
N LEU A 82 -0.09 -17.94 -2.16
CA LEU A 82 0.19 -16.98 -3.24
C LEU A 82 0.50 -17.69 -4.56
N ARG A 83 1.39 -18.69 -4.50
CA ARG A 83 1.77 -19.45 -5.69
C ARG A 83 0.55 -20.12 -6.34
N LEU A 84 -0.27 -20.76 -5.51
CA LEU A 84 -1.48 -21.43 -6.02
C LEU A 84 -2.47 -20.44 -6.62
N ALA A 85 -2.60 -19.27 -5.98
CA ALA A 85 -3.51 -18.25 -6.47
C ALA A 85 -3.13 -17.78 -7.86
N GLU A 86 -1.82 -17.70 -8.11
CA GLU A 86 -1.34 -17.22 -9.40
C GLU A 86 -1.29 -18.29 -10.48
N ASP A 87 -1.01 -19.53 -10.11
CA ASP A 87 -0.91 -20.60 -11.11
C ASP A 87 -2.13 -21.48 -11.35
N ALA A 88 -2.99 -21.65 -10.34
CA ALA A 88 -4.17 -22.50 -10.51
C ALA A 88 -5.14 -21.93 -11.55
N PRO A 89 -5.64 -22.80 -12.46
CA PRO A 89 -6.57 -22.37 -13.50
C PRO A 89 -7.95 -21.98 -12.94
N ASN A 90 -8.62 -21.04 -13.61
CA ASN A 90 -9.92 -20.58 -13.19
C ASN A 90 -11.00 -21.58 -13.61
N PHE A 91 -12.01 -21.77 -12.75
CA PHE A 91 -13.10 -22.70 -13.03
C PHE A 91 -14.47 -22.04 -12.92
N ASP A 92 -14.52 -20.71 -12.80
CA ASP A 92 -15.81 -20.03 -12.69
C ASP A 92 -16.33 -19.55 -14.04
N GLY A 93 -17.27 -20.29 -14.62
CA GLY A 93 -17.83 -19.92 -15.90
C GLY A 93 -16.80 -19.87 -17.01
N GLY A 98 -13.36 -11.68 -16.26
CA GLY A 98 -12.90 -10.34 -15.96
C GLY A 98 -12.40 -9.57 -17.16
N GLN A 99 -12.08 -8.30 -16.95
CA GLN A 99 -11.59 -7.44 -18.04
C GLN A 99 -10.07 -7.27 -17.96
N PRO A 100 -9.43 -6.96 -19.10
CA PRO A 100 -7.97 -6.78 -19.11
C PRO A 100 -7.58 -5.58 -18.25
N GLY A 101 -6.52 -5.72 -17.46
CA GLY A 101 -6.07 -4.64 -16.61
C GLY A 101 -6.64 -4.72 -15.21
N GLN A 102 -7.70 -5.51 -15.06
CA GLN A 102 -8.38 -5.69 -13.78
C GLN A 102 -7.60 -6.69 -12.90
N LYS A 103 -7.59 -6.47 -11.58
CA LYS A 103 -6.89 -7.39 -10.69
C LYS A 103 -7.47 -8.79 -10.92
N GLN A 104 -6.61 -9.78 -11.02
CA GLN A 104 -7.05 -11.15 -11.27
C GLN A 104 -8.04 -11.67 -10.24
N SER A 105 -9.05 -12.38 -10.72
CA SER A 105 -10.06 -12.97 -9.87
C SER A 105 -10.22 -14.42 -10.35
N THR A 106 -10.05 -15.37 -9.44
CA THR A 106 -10.16 -16.78 -9.80
C THR A 106 -10.83 -17.64 -8.72
N THR A 107 -11.10 -18.88 -9.10
CA THR A 107 -11.73 -19.86 -8.23
C THR A 107 -10.95 -19.96 -6.92
N PHE A 108 -9.65 -20.23 -7.02
CA PHE A 108 -8.82 -20.36 -5.85
C PHE A 108 -8.95 -19.16 -4.93
N ARG A 109 -8.72 -17.96 -5.48
CA ARG A 109 -8.80 -16.72 -4.70
C ARG A 109 -10.12 -16.55 -3.97
N ARG A 110 -11.21 -16.85 -4.66
CA ARG A 110 -12.56 -16.73 -4.11
C ARG A 110 -12.83 -17.70 -2.95
N LEU A 111 -12.44 -18.95 -3.11
CA LEU A 111 -12.67 -19.93 -2.04
C LEU A 111 -11.76 -19.73 -0.84
N LEU A 112 -10.58 -19.14 -1.05
CA LEU A 112 -9.66 -18.91 0.07
C LEU A 112 -10.28 -17.85 0.99
N ILE A 113 -10.71 -16.74 0.41
CA ILE A 113 -11.32 -15.66 1.17
C ILE A 113 -12.49 -16.21 1.98
N SER A 114 -13.32 -17.00 1.31
CA SER A 114 -14.50 -17.61 1.93
C SER A 114 -14.13 -18.48 3.13
N LYS A 115 -13.11 -19.32 2.97
CA LYS A 115 -12.68 -20.22 4.04
C LYS A 115 -12.18 -19.48 5.29
N LEU A 116 -11.36 -18.46 5.12
CA LEU A 116 -10.87 -17.74 6.29
C LEU A 116 -11.99 -17.02 7.04
N GLN A 117 -13.00 -16.58 6.31
CA GLN A 117 -14.13 -15.93 6.96
C GLN A 117 -14.77 -16.98 7.88
N ASP A 118 -14.79 -18.23 7.41
CA ASP A 118 -15.36 -19.34 8.18
C ASP A 118 -14.55 -19.67 9.44
N GLU A 119 -13.25 -19.84 9.30
CA GLU A 119 -12.43 -20.14 10.47
C GLU A 119 -12.57 -19.03 11.50
N PHE A 120 -12.57 -17.78 11.05
CA PHE A 120 -12.69 -16.67 11.98
C PHE A 120 -13.96 -16.70 12.82
N GLU A 121 -15.08 -17.08 12.22
CA GLU A 121 -16.35 -17.16 12.95
C GLU A 121 -16.35 -18.32 13.94
N ASN A 122 -15.83 -19.48 13.56
CA ASN A 122 -15.81 -20.64 14.44
C ASN A 122 -14.84 -20.47 15.61
N ARG A 123 -13.69 -19.87 15.36
CA ARG A 123 -12.70 -19.66 16.41
C ARG A 123 -13.17 -18.61 17.41
N THR A 124 -14.04 -17.71 16.95
CA THR A 124 -14.60 -16.67 17.80
C THR A 124 -15.62 -17.28 18.74
N ARG A 125 -16.45 -18.18 18.19
CA ARG A 125 -17.47 -18.86 18.98
C ARG A 125 -16.87 -19.76 20.06
N ASN A 126 -15.70 -20.30 19.78
CA ASN A 126 -15.02 -21.18 20.74
C ASN A 126 -14.52 -20.42 21.96
N VAL A 127 -14.20 -19.14 21.79
CA VAL A 127 -13.71 -18.30 22.88
C VAL A 127 -14.84 -17.84 23.79
N ASP A 128 -15.97 -17.46 23.19
CA ASP A 128 -17.11 -16.97 23.96
C ASP A 128 -18.06 -18.11 24.36
N VAL A 129 -17.56 -19.34 24.31
CA VAL A 129 -18.37 -20.51 24.66
C VAL A 129 -18.73 -20.56 26.15
N TYR A 130 -17.96 -19.86 26.96
CA TYR A 130 -18.20 -19.83 28.41
C TYR A 130 -18.68 -18.46 28.84
N ASP A 131 -18.65 -17.51 27.90
CA ASP A 131 -19.08 -16.14 28.17
C ASP A 131 -20.59 -16.02 28.14
N PRO A 139 -12.22 -24.23 36.71
CA PRO A 139 -12.03 -25.68 36.80
C PRO A 139 -11.25 -26.22 35.61
N GLU A 140 -11.84 -27.18 34.92
CA GLU A 140 -11.24 -27.79 33.73
C GLU A 140 -11.58 -26.88 32.55
N GLU A 141 -12.80 -26.35 32.57
CA GLU A 141 -13.30 -25.47 31.54
C GLU A 141 -12.33 -24.30 31.34
N GLU A 142 -11.65 -23.90 32.40
CA GLU A 142 -10.70 -22.79 32.35
C GLU A 142 -9.53 -23.10 31.44
N GLU A 143 -9.08 -24.35 31.46
CA GLU A 143 -7.97 -24.75 30.62
C GLU A 143 -8.40 -24.79 29.16
N GLN A 144 -9.67 -25.07 28.94
CA GLN A 144 -10.22 -25.14 27.60
C GLN A 144 -10.23 -23.75 26.96
N ARG A 145 -10.71 -22.76 27.71
CA ARG A 145 -10.76 -21.39 27.22
C ARG A 145 -9.38 -20.86 26.86
N ALA A 146 -8.38 -21.22 27.67
CA ALA A 146 -7.02 -20.75 27.42
C ALA A 146 -6.44 -21.32 26.13
N ILE A 147 -6.90 -22.50 25.74
CA ILE A 147 -6.42 -23.11 24.51
C ILE A 147 -7.09 -22.45 23.30
N ALA A 148 -8.38 -22.17 23.42
CA ALA A 148 -9.13 -21.54 22.33
C ALA A 148 -8.63 -20.11 22.12
N LYS A 149 -8.16 -19.49 23.20
CA LYS A 149 -7.65 -18.13 23.14
C LYS A 149 -6.34 -18.15 22.34
N ILE A 150 -5.60 -19.25 22.43
CA ILE A 150 -4.35 -19.39 21.69
C ILE A 150 -4.61 -19.71 20.21
N LYS A 151 -5.71 -20.39 19.91
CA LYS A 151 -6.05 -20.72 18.53
C LYS A 151 -6.46 -19.45 17.78
N MET A 152 -7.21 -18.58 18.46
CA MET A 152 -7.69 -17.33 17.88
C MET A 152 -6.52 -16.44 17.47
N LEU A 153 -5.47 -16.39 18.28
CA LEU A 153 -4.31 -15.56 17.95
C LEU A 153 -3.58 -16.13 16.74
N GLY A 154 -3.48 -17.46 16.69
CA GLY A 154 -2.83 -18.08 15.56
C GLY A 154 -3.62 -17.78 14.30
N ASN A 155 -4.95 -17.77 14.42
CA ASN A 155 -5.82 -17.49 13.27
C ASN A 155 -5.57 -16.06 12.77
N ILE A 156 -5.52 -15.11 13.70
CA ILE A 156 -5.30 -13.71 13.35
C ILE A 156 -3.95 -13.47 12.68
N LYS A 157 -2.90 -14.14 13.17
CA LYS A 157 -1.56 -14.00 12.62
C LYS A 157 -1.49 -14.51 11.17
N PHE A 158 -2.22 -15.58 10.87
CA PHE A 158 -2.24 -16.12 9.52
C PHE A 158 -2.99 -15.16 8.59
N ILE A 159 -4.05 -14.56 9.10
CA ILE A 159 -4.83 -13.59 8.33
C ILE A 159 -3.93 -12.40 7.99
N GLY A 160 -3.19 -11.92 8.99
CA GLY A 160 -2.29 -10.81 8.75
C GLY A 160 -1.32 -11.13 7.61
N GLU A 161 -0.71 -12.31 7.63
CA GLU A 161 0.24 -12.71 6.60
C GLU A 161 -0.36 -12.79 5.19
N LEU A 162 -1.64 -13.15 5.11
CA LEU A 162 -2.31 -13.26 3.82
C LEU A 162 -2.63 -11.86 3.30
N GLY A 163 -3.09 -10.99 4.21
CA GLY A 163 -3.41 -9.62 3.81
C GLY A 163 -2.21 -8.93 3.19
N LYS A 164 -1.03 -9.20 3.74
CA LYS A 164 0.21 -8.63 3.25
C LYS A 164 0.46 -8.95 1.78
N LEU A 165 -0.09 -10.06 1.30
CA LEU A 165 0.08 -10.48 -0.10
C LEU A 165 -1.19 -10.25 -0.92
N ASP A 166 -2.11 -9.47 -0.33
CA ASP A 166 -3.39 -9.13 -0.95
C ASP A 166 -4.28 -10.35 -1.21
N LEU A 167 -4.18 -11.36 -0.36
CA LEU A 167 -4.99 -12.58 -0.48
C LEU A 167 -6.33 -12.53 0.26
N ILE A 168 -6.49 -11.56 1.16
CA ILE A 168 -7.76 -11.35 1.87
C ILE A 168 -7.97 -9.83 1.92
N HIS A 169 -9.20 -9.40 2.22
CA HIS A 169 -9.54 -7.97 2.23
C HIS A 169 -9.56 -7.19 3.57
N GLU A 170 -9.82 -5.89 3.45
CA GLU A 170 -9.87 -4.95 4.58
C GLU A 170 -10.85 -5.26 5.68
N SER A 171 -12.04 -5.70 5.29
CA SER A 171 -13.08 -5.99 6.25
C SER A 171 -12.68 -6.95 7.38
N ILE A 172 -12.12 -8.11 7.04
CA ILE A 172 -11.74 -9.08 8.06
C ILE A 172 -10.57 -8.60 8.90
N LEU A 173 -9.69 -7.79 8.31
CA LEU A 173 -8.56 -7.26 9.06
C LEU A 173 -9.08 -6.33 10.15
N HIS A 174 -10.01 -5.44 9.81
CA HIS A 174 -10.57 -4.52 10.81
C HIS A 174 -11.29 -5.34 11.90
N LYS A 175 -11.87 -6.47 11.51
CA LYS A 175 -12.58 -7.32 12.46
C LYS A 175 -11.60 -7.96 13.44
N CYS A 176 -10.38 -8.24 12.99
CA CYS A 176 -9.36 -8.80 13.85
C CYS A 176 -8.92 -7.72 14.85
N ILE A 177 -8.63 -6.53 14.33
CA ILE A 177 -8.19 -5.41 15.16
C ILE A 177 -9.21 -5.08 16.24
N LYS A 178 -10.49 -5.08 15.87
CA LYS A 178 -11.56 -4.76 16.80
C LYS A 178 -11.64 -5.73 17.98
N THR A 179 -11.46 -7.03 17.71
CA THR A 179 -11.53 -8.02 18.78
C THR A 179 -10.32 -7.94 19.71
N LEU A 180 -9.17 -7.57 19.17
CA LEU A 180 -7.96 -7.48 19.96
C LEU A 180 -7.94 -6.29 20.92
N LEU A 181 -8.60 -5.19 20.53
CA LEU A 181 -8.65 -3.98 21.35
C LEU A 181 -9.85 -3.96 22.29
N GLU A 182 -10.84 -4.81 22.03
CA GLU A 182 -12.04 -4.86 22.86
C GLU A 182 -11.73 -5.32 24.28
N LYS A 183 -12.37 -4.66 25.24
CA LYS A 183 -12.17 -4.98 26.65
C LYS A 183 -13.33 -5.78 27.24
N LYS A 184 -13.13 -7.08 27.38
CA LYS A 184 -14.15 -7.97 27.93
C LYS A 184 -14.30 -7.70 29.43
N LYS A 185 -15.51 -7.92 29.96
CA LYS A 185 -15.74 -7.70 31.37
C LYS A 185 -14.93 -8.70 32.20
N ARG A 186 -14.98 -9.97 31.79
CA ARG A 186 -14.24 -11.01 32.51
C ARG A 186 -12.74 -10.73 32.53
N VAL A 187 -12.12 -10.70 31.35
CA VAL A 187 -10.68 -10.45 31.25
C VAL A 187 -10.28 -9.15 31.94
N GLN A 188 -9.09 -9.14 32.53
CA GLN A 188 -8.57 -7.96 33.20
C GLN A 188 -7.45 -7.34 32.40
N LEU A 189 -7.34 -6.01 32.45
CA LEU A 189 -6.32 -5.27 31.72
C LEU A 189 -4.92 -5.86 31.86
N LYS A 190 -4.66 -6.52 32.99
CA LYS A 190 -3.37 -7.13 33.24
C LYS A 190 -3.15 -8.41 32.44
N ASP A 191 -4.22 -8.96 31.87
CA ASP A 191 -4.11 -10.19 31.09
C ASP A 191 -4.36 -10.01 29.59
N MET A 192 -3.89 -8.90 29.05
CA MET A 192 -4.06 -8.62 27.63
C MET A 192 -2.73 -8.42 26.92
N GLY A 193 -1.66 -8.89 27.55
CA GLY A 193 -0.34 -8.75 26.97
C GLY A 193 -0.18 -9.33 25.58
N GLU A 194 -0.40 -10.64 25.45
CA GLU A 194 -0.25 -11.28 24.15
C GLU A 194 -1.31 -10.85 23.14
N ASP A 195 -2.43 -10.31 23.63
CA ASP A 195 -3.48 -9.83 22.76
C ASP A 195 -3.00 -8.51 22.14
N LEU A 196 -2.45 -7.64 22.98
CA LEU A 196 -1.95 -6.34 22.53
C LEU A 196 -0.67 -6.50 21.71
N GLU A 197 0.11 -7.53 22.00
CA GLU A 197 1.34 -7.76 21.27
C GLU A 197 1.02 -8.20 19.84
N CYS A 198 -0.04 -8.97 19.69
CA CYS A 198 -0.48 -9.46 18.38
C CYS A 198 -0.94 -8.24 17.56
N LEU A 199 -1.71 -7.35 18.20
CA LEU A 199 -2.22 -6.15 17.54
C LEU A 199 -1.09 -5.33 16.93
N CYS A 200 0.00 -5.14 17.68
CA CYS A 200 1.11 -4.38 17.15
C CYS A 200 1.74 -5.09 15.95
N GLN A 201 1.72 -6.42 15.97
CA GLN A 201 2.27 -7.21 14.87
C GLN A 201 1.45 -6.91 13.62
N ILE A 202 0.14 -7.11 13.72
CA ILE A 202 -0.79 -6.85 12.62
C ILE A 202 -0.64 -5.42 12.12
N MET A 203 -0.63 -4.48 13.05
CA MET A 203 -0.50 -3.08 12.72
C MET A 203 0.76 -2.77 11.89
N ARG A 204 1.89 -3.40 12.22
CA ARG A 204 3.12 -3.16 11.46
C ARG A 204 3.10 -3.85 10.11
N THR A 205 2.30 -4.90 10.00
CA THR A 205 2.17 -5.69 8.78
C THR A 205 1.16 -5.13 7.77
N VAL A 206 -0.02 -4.77 8.27
CA VAL A 206 -1.10 -4.28 7.43
C VAL A 206 -1.47 -2.79 7.60
N GLY A 207 -1.07 -2.21 8.73
CA GLY A 207 -1.38 -0.82 9.02
C GLY A 207 -1.30 0.19 7.88
N PRO A 208 -0.17 0.28 7.19
CA PRO A 208 0.00 1.22 6.07
C PRO A 208 -1.04 1.12 4.95
N ARG A 209 -1.39 -0.10 4.52
CA ARG A 209 -2.36 -0.25 3.44
C ARG A 209 -3.81 0.04 3.88
N LEU A 210 -4.09 -0.10 5.17
CA LEU A 210 -5.43 0.13 5.69
C LEU A 210 -5.70 1.60 5.98
N ASP A 211 -4.64 2.33 6.31
CA ASP A 211 -4.73 3.73 6.69
C ASP A 211 -4.85 4.76 5.57
N HIS A 212 -5.91 4.64 4.75
CA HIS A 212 -6.12 5.61 3.68
C HIS A 212 -7.26 6.55 4.08
N GLU A 213 -7.39 7.65 3.36
CA GLU A 213 -8.38 8.69 3.63
C GLU A 213 -9.78 8.25 4.10
N ARG A 214 -10.42 7.35 3.39
CA ARG A 214 -11.76 6.92 3.81
C ARG A 214 -11.76 6.32 5.20
N ALA A 215 -10.67 5.68 5.59
CA ALA A 215 -10.56 5.02 6.89
C ALA A 215 -10.01 5.87 8.04
N LYS A 216 -9.74 7.14 7.79
CA LYS A 216 -9.19 8.05 8.80
C LYS A 216 -9.88 7.98 10.16
N SER A 217 -11.21 8.05 10.13
CA SER A 217 -12.01 8.00 11.35
C SER A 217 -11.78 6.74 12.19
N LEU A 218 -11.93 5.58 11.57
CA LEU A 218 -11.73 4.30 12.25
C LEU A 218 -10.33 4.15 12.83
N MET A 219 -9.31 4.40 12.01
CA MET A 219 -7.92 4.27 12.47
C MET A 219 -7.60 5.25 13.59
N ASP A 220 -8.07 6.49 13.46
CA ASP A 220 -7.84 7.50 14.49
C ASP A 220 -8.38 6.96 15.80
N GLN A 221 -9.56 6.35 15.73
CA GLN A 221 -10.22 5.78 16.89
C GLN A 221 -9.38 4.67 17.53
N TYR A 222 -8.78 3.81 16.69
CA TYR A 222 -7.94 2.71 17.17
C TYR A 222 -6.72 3.21 17.95
N PHE A 223 -6.00 4.14 17.35
CA PHE A 223 -4.79 4.67 17.97
C PHE A 223 -5.02 5.56 19.18
N ALA A 224 -6.23 6.07 19.35
CA ALA A 224 -6.53 6.89 20.53
C ALA A 224 -6.56 5.87 21.65
N ARG A 225 -7.33 4.82 21.43
CA ARG A 225 -7.47 3.72 22.39
C ARG A 225 -6.10 3.17 22.76
N MET A 226 -5.18 3.13 21.80
CA MET A 226 -3.83 2.61 22.03
C MET A 226 -2.97 3.53 22.91
N CYS A 227 -3.13 4.84 22.72
CA CYS A 227 -2.38 5.83 23.49
C CYS A 227 -2.80 5.82 24.95
N SER A 228 -4.07 5.53 25.20
CA SER A 228 -4.58 5.51 26.57
C SER A 228 -4.37 4.15 27.25
N LEU A 229 -3.39 3.39 26.77
CA LEU A 229 -3.08 2.08 27.33
C LEU A 229 -1.56 1.90 27.45
N MET A 230 -0.80 2.69 26.71
CA MET A 230 0.65 2.57 26.75
C MET A 230 1.25 3.17 28.02
N LEU A 231 0.40 3.77 28.84
CA LEU A 231 0.84 4.37 30.09
C LEU A 231 0.16 3.66 31.26
N SER A 232 -0.47 2.54 30.96
CA SER A 232 -1.15 1.74 31.96
C SER A 232 -0.14 1.02 32.86
N LYS A 233 -0.40 1.03 34.16
CA LYS A 233 0.50 0.39 35.11
C LYS A 233 0.17 -1.10 35.23
N GLU A 234 -0.88 -1.54 34.54
CA GLU A 234 -1.30 -2.93 34.58
C GLU A 234 -0.57 -3.77 33.53
N LEU A 235 0.03 -3.11 32.55
CA LEU A 235 0.73 -3.82 31.48
C LEU A 235 2.24 -3.85 31.66
N PRO A 236 2.87 -4.96 31.31
CA PRO A 236 4.33 -5.13 31.42
C PRO A 236 5.07 -4.00 30.71
N ALA A 237 6.37 -3.88 30.97
CA ALA A 237 7.16 -2.82 30.34
C ALA A 237 7.24 -3.03 28.83
N ARG A 238 7.60 -4.25 28.43
CA ARG A 238 7.72 -4.58 27.02
C ARG A 238 6.47 -4.24 26.21
N ILE A 239 5.30 -4.56 26.77
CA ILE A 239 4.04 -4.30 26.09
C ILE A 239 3.79 -2.82 25.83
N ARG A 240 3.89 -1.99 26.86
CA ARG A 240 3.65 -0.57 26.66
C ARG A 240 4.75 0.11 25.84
N PHE A 241 5.90 -0.53 25.70
CA PHE A 241 6.97 0.06 24.89
C PHE A 241 6.72 -0.33 23.43
N LEU A 242 6.02 -1.44 23.25
CA LEU A 242 5.69 -1.94 21.92
C LEU A 242 4.56 -1.09 21.34
N LEU A 243 3.67 -0.62 22.22
CA LEU A 243 2.56 0.21 21.78
C LEU A 243 3.09 1.58 21.39
N GLN A 244 3.98 2.12 22.22
CA GLN A 244 4.57 3.44 21.98
C GLN A 244 5.31 3.49 20.65
N ASP A 245 6.01 2.40 20.31
CA ASP A 245 6.76 2.37 19.06
C ASP A 245 5.85 2.31 17.85
N THR A 246 4.71 1.63 18.00
CA THR A 246 3.74 1.50 16.90
C THR A 246 3.06 2.85 16.66
N VAL A 247 2.59 3.47 17.74
CA VAL A 247 1.94 4.77 17.68
C VAL A 247 2.82 5.82 17.03
N GLU A 248 4.08 5.87 17.45
CA GLU A 248 5.05 6.83 16.92
C GLU A 248 5.27 6.64 15.42
N LEU A 249 5.18 5.40 14.95
CA LEU A 249 5.36 5.09 13.54
C LEU A 249 4.22 5.68 12.72
N ARG A 250 3.01 5.63 13.28
CA ARG A 250 1.86 6.16 12.58
C ARG A 250 1.89 7.68 12.54
N GLU A 251 2.32 8.29 13.65
CA GLU A 251 2.41 9.74 13.73
C GLU A 251 3.39 10.24 12.67
N HIS A 252 4.29 9.34 12.25
CA HIS A 252 5.27 9.65 11.23
C HIS A 252 4.80 9.15 9.84
N HIS A 253 3.49 9.02 9.67
CA HIS A 253 2.93 8.56 8.40
C HIS A 253 3.54 7.25 7.93
N TRP A 254 3.78 6.32 8.86
CA TRP A 254 4.36 5.03 8.52
C TRP A 254 5.62 5.14 7.66
N VAL A 255 6.24 6.30 7.60
CA VAL A 255 7.43 6.43 6.78
C VAL A 255 8.69 6.07 7.56
N PRO A 256 9.41 5.02 7.10
CA PRO A 256 10.64 4.48 7.70
C PRO A 256 11.65 5.53 8.18
N PHE B 23 17.12 34.47 2.18
CA PHE B 23 16.82 33.41 1.17
C PHE B 23 18.06 32.98 0.42
N ARG B 24 19.02 33.91 0.29
CA ARG B 24 20.27 33.59 -0.36
C ARG B 24 20.93 32.57 0.55
N LYS B 25 21.73 31.67 -0.02
CA LYS B 25 22.42 30.62 0.72
C LYS B 25 21.68 29.29 0.61
N VAL B 26 20.35 29.34 0.50
CA VAL B 26 19.56 28.13 0.37
C VAL B 26 19.71 27.61 -1.06
N ARG B 27 19.83 28.53 -2.01
CA ARG B 27 19.99 28.14 -3.40
C ARG B 27 21.40 27.59 -3.62
N GLY B 28 22.38 28.20 -2.97
CA GLY B 28 23.75 27.72 -3.09
C GLY B 28 23.79 26.33 -2.51
N ILE B 29 23.03 26.14 -1.43
CA ILE B 29 22.92 24.84 -0.76
C ILE B 29 22.09 23.92 -1.65
N LEU B 30 21.04 24.47 -2.25
CA LEU B 30 20.17 23.71 -3.13
C LEU B 30 20.89 23.23 -4.38
N ASN B 31 21.64 24.13 -5.01
CA ASN B 31 22.39 23.80 -6.23
C ASN B 31 23.61 22.94 -5.94
N LYS B 32 24.06 22.92 -4.69
CA LYS B 32 25.22 22.11 -4.33
C LYS B 32 24.80 20.82 -3.62
N LEU B 33 23.57 20.79 -3.12
CA LEU B 33 23.06 19.62 -2.43
C LEU B 33 23.31 18.35 -3.24
N THR B 34 23.93 17.37 -2.60
CA THR B 34 24.23 16.10 -3.25
C THR B 34 23.94 14.98 -2.25
N PRO B 35 23.81 13.74 -2.74
CA PRO B 35 23.52 12.61 -1.85
C PRO B 35 24.45 12.49 -0.62
N GLU B 36 25.74 12.36 -0.87
CA GLU B 36 26.70 12.21 0.22
C GLU B 36 26.84 13.43 1.15
N LYS B 37 26.42 14.59 0.69
CA LYS B 37 26.52 15.81 1.50
C LYS B 37 25.17 16.20 2.10
N PHE B 38 24.16 15.39 1.82
CA PHE B 38 22.80 15.62 2.28
C PHE B 38 22.68 16.00 3.76
N ASP B 39 22.96 15.06 4.66
CA ASP B 39 22.86 15.29 6.10
C ASP B 39 23.43 16.61 6.57
N LYS B 40 24.72 16.82 6.33
CA LYS B 40 25.40 18.05 6.75
C LYS B 40 24.78 19.33 6.19
N LEU B 41 23.98 19.20 5.13
CA LEU B 41 23.34 20.36 4.52
C LEU B 41 21.95 20.60 5.11
N CYS B 42 21.25 19.52 5.47
CA CYS B 42 19.93 19.63 6.05
C CYS B 42 20.03 20.39 7.36
N LEU B 43 20.98 19.98 8.20
CA LEU B 43 21.20 20.61 9.49
C LEU B 43 21.52 22.09 9.31
N GLU B 44 22.13 22.41 8.18
CA GLU B 44 22.48 23.80 7.87
C GLU B 44 21.26 24.56 7.33
N LEU B 45 20.39 23.85 6.61
CA LEU B 45 19.19 24.45 6.05
C LEU B 45 18.17 24.70 7.16
N LEU B 46 18.06 23.72 8.05
CA LEU B 46 17.15 23.80 9.19
C LEU B 46 17.61 24.82 10.20
N ASN B 47 18.91 25.07 10.20
CA ASN B 47 19.51 26.00 11.15
C ASN B 47 19.10 27.47 10.99
N VAL B 48 19.47 28.08 9.87
CA VAL B 48 19.16 29.49 9.64
C VAL B 48 17.88 29.76 8.85
N GLY B 49 17.52 28.86 7.94
CA GLY B 49 16.33 29.07 7.11
C GLY B 49 14.97 28.81 7.74
N VAL B 50 14.69 29.47 8.86
CA VAL B 50 13.40 29.28 9.52
C VAL B 50 13.13 30.33 10.61
N GLU B 51 11.97 30.97 10.52
CA GLU B 51 11.57 31.99 11.48
C GLU B 51 10.05 32.12 11.60
N SER B 52 9.36 32.20 10.47
CA SER B 52 7.90 32.33 10.45
C SER B 52 7.26 31.70 9.22
N LYS B 53 5.93 31.75 9.16
CA LYS B 53 5.17 31.21 8.04
C LYS B 53 5.76 31.68 6.73
N LEU B 54 5.94 32.99 6.61
CA LEU B 54 6.48 33.61 5.41
C LEU B 54 7.80 32.99 4.94
N ILE B 55 8.73 32.80 5.87
CA ILE B 55 10.03 32.22 5.52
C ILE B 55 9.89 30.79 4.99
N LEU B 56 9.07 29.99 5.64
CA LEU B 56 8.86 28.61 5.20
C LEU B 56 8.38 28.62 3.76
N LYS B 57 7.42 29.51 3.47
CA LYS B 57 6.85 29.65 2.13
C LYS B 57 7.90 29.96 1.08
N GLY B 58 8.83 30.87 1.40
CA GLY B 58 9.87 31.22 0.46
C GLY B 58 10.78 30.03 0.19
N VAL B 59 10.99 29.21 1.22
CA VAL B 59 11.83 28.02 1.10
C VAL B 59 11.15 27.01 0.18
N ILE B 60 9.84 26.83 0.39
CA ILE B 60 9.07 25.90 -0.42
C ILE B 60 9.11 26.31 -1.90
N LEU B 61 9.03 27.61 -2.14
CA LEU B 61 9.06 28.14 -3.50
C LEU B 61 10.38 27.86 -4.20
N LEU B 62 11.49 28.01 -3.47
CA LEU B 62 12.81 27.77 -4.05
C LEU B 62 13.07 26.27 -4.27
N ILE B 63 12.56 25.44 -3.36
CA ILE B 63 12.73 24.00 -3.48
C ILE B 63 12.00 23.52 -4.72
N VAL B 64 10.74 23.96 -4.87
CA VAL B 64 9.93 23.58 -6.02
C VAL B 64 10.62 23.97 -7.32
N ASP B 65 11.01 25.24 -7.42
CA ASP B 65 11.68 25.75 -8.62
C ASP B 65 12.93 24.94 -8.94
N LYS B 66 13.77 24.73 -7.94
CA LYS B 66 14.99 23.96 -8.12
C LYS B 66 14.70 22.57 -8.68
N ALA B 67 13.61 21.96 -8.19
CA ALA B 67 13.23 20.63 -8.63
C ALA B 67 12.97 20.60 -10.13
N LEU B 68 12.30 21.63 -10.65
CA LEU B 68 12.01 21.70 -12.08
C LEU B 68 13.29 21.89 -12.89
N GLU B 69 14.27 22.56 -12.30
CA GLU B 69 15.54 22.80 -12.97
C GLU B 69 16.32 21.49 -13.14
N GLU B 70 16.42 20.71 -12.07
CA GLU B 70 17.13 19.45 -12.11
C GLU B 70 16.23 18.29 -11.67
N PRO B 71 15.51 17.69 -12.63
CA PRO B 71 14.60 16.57 -12.38
C PRO B 71 15.34 15.28 -12.00
N LYS B 72 16.65 15.26 -12.21
CA LYS B 72 17.45 14.10 -11.88
C LYS B 72 17.57 13.95 -10.37
N TYR B 73 17.70 15.08 -9.68
CA TYR B 73 17.81 15.06 -8.23
C TYR B 73 16.43 15.22 -7.58
N SER B 74 15.41 14.78 -8.30
CA SER B 74 14.03 14.87 -7.85
C SER B 74 13.78 14.18 -6.50
N SER B 75 14.25 12.94 -6.35
CA SER B 75 14.06 12.21 -5.11
C SER B 75 14.85 12.79 -3.93
N LEU B 76 15.92 13.53 -4.23
CA LEU B 76 16.73 14.16 -3.19
C LEU B 76 15.96 15.28 -2.50
N TYR B 77 15.37 16.15 -3.32
CA TYR B 77 14.60 17.27 -2.80
C TYR B 77 13.40 16.75 -2.01
N ALA B 78 12.86 15.62 -2.44
CA ALA B 78 11.73 15.02 -1.74
C ALA B 78 12.22 14.62 -0.35
N GLN B 79 13.41 14.03 -0.30
CA GLN B 79 14.02 13.59 0.95
C GLN B 79 14.25 14.81 1.83
N LEU B 80 14.55 15.94 1.19
CA LEU B 80 14.77 17.20 1.89
C LEU B 80 13.45 17.66 2.49
N CYS B 81 12.39 17.57 1.68
CA CYS B 81 11.08 17.98 2.13
C CYS B 81 10.61 17.12 3.31
N LEU B 82 10.97 15.84 3.31
CA LEU B 82 10.59 14.95 4.41
C LEU B 82 11.24 15.40 5.73
N ARG B 83 12.50 15.86 5.66
CA ARG B 83 13.21 16.33 6.85
C ARG B 83 12.52 17.54 7.48
N LEU B 84 12.28 18.56 6.66
CA LEU B 84 11.63 19.78 7.13
C LEU B 84 10.19 19.50 7.55
N ALA B 85 9.59 18.47 6.98
CA ALA B 85 8.22 18.11 7.32
C ALA B 85 8.16 17.62 8.76
N GLU B 86 9.15 16.81 9.14
CA GLU B 86 9.21 16.27 10.49
C GLU B 86 9.90 17.23 11.46
N ASP B 87 11.02 17.78 11.03
CA ASP B 87 11.80 18.69 11.87
C ASP B 87 11.75 20.13 11.39
N ALA B 88 10.88 20.91 12.01
CA ALA B 88 10.72 22.30 11.65
C ALA B 88 9.66 22.86 12.57
N PRO B 89 9.90 24.06 13.09
CA PRO B 89 8.92 24.66 13.99
C PRO B 89 7.53 24.78 13.39
N ASN B 90 6.53 24.39 14.16
CA ASN B 90 5.15 24.47 13.72
C ASN B 90 4.62 25.83 14.14
N PHE B 91 3.90 26.50 13.24
CA PHE B 91 3.34 27.81 13.52
C PHE B 91 1.80 27.78 13.47
N ASP B 92 1.23 26.59 13.49
CA ASP B 92 -0.23 26.43 13.42
C ASP B 92 -0.93 26.28 14.77
N GLY B 93 -0.38 25.43 15.62
CA GLY B 93 -0.98 25.21 16.91
C GLY B 93 -1.36 23.74 17.02
N PRO B 94 -1.57 23.21 18.23
CA PRO B 94 -1.94 21.80 18.42
C PRO B 94 -3.37 21.54 18.00
N ALA B 95 -4.12 22.61 17.74
CA ALA B 95 -5.51 22.49 17.35
C ALA B 95 -5.59 21.97 15.93
N ALA B 96 -4.55 22.29 15.17
CA ALA B 96 -4.42 21.90 13.75
C ALA B 96 -3.89 20.47 13.58
N GLU B 97 -4.80 19.49 13.45
CA GLU B 97 -4.47 18.07 13.28
C GLU B 97 -3.17 17.64 13.98
N GLY B 98 -3.17 17.62 15.31
CA GLY B 98 -1.97 17.22 16.02
C GLY B 98 -2.19 16.44 17.30
N GLN B 99 -3.26 15.66 17.37
CA GLN B 99 -3.54 14.89 18.57
C GLN B 99 -2.82 13.55 18.61
N PRO B 100 -2.48 13.09 19.83
CA PRO B 100 -1.78 11.82 20.01
C PRO B 100 -2.38 10.64 19.27
N GLY B 101 -1.61 10.06 18.37
CA GLY B 101 -2.09 8.93 17.59
C GLY B 101 -2.32 9.24 16.12
N GLN B 102 -2.80 10.45 15.84
CA GLN B 102 -3.09 10.87 14.46
C GLN B 102 -1.81 11.10 13.65
N LYS B 103 -1.94 11.22 12.34
CA LYS B 103 -0.78 11.48 11.51
C LYS B 103 -0.41 12.95 11.72
N GLN B 104 0.86 13.21 12.00
CA GLN B 104 1.32 14.57 12.24
C GLN B 104 1.00 15.54 11.10
N SER B 105 0.59 16.74 11.49
CA SER B 105 0.27 17.80 10.55
C SER B 105 0.97 19.08 11.02
N THR B 106 1.69 19.74 10.13
CA THR B 106 2.40 20.97 10.48
C THR B 106 2.30 22.05 9.40
N THR B 107 2.67 23.27 9.76
CA THR B 107 2.63 24.40 8.83
C THR B 107 3.35 24.04 7.53
N PHE B 108 4.53 23.45 7.65
CA PHE B 108 5.29 23.07 6.47
C PHE B 108 4.51 22.07 5.60
N ARG B 109 3.94 21.03 6.23
CA ARG B 109 3.19 20.02 5.49
C ARG B 109 2.00 20.67 4.76
N ARG B 110 1.33 21.60 5.44
CA ARG B 110 0.17 22.29 4.89
C ARG B 110 0.53 23.15 3.68
N LEU B 111 1.55 23.97 3.82
CA LEU B 111 1.99 24.85 2.74
C LEU B 111 2.62 24.10 1.56
N LEU B 112 3.29 22.97 1.85
CA LEU B 112 3.91 22.18 0.79
C LEU B 112 2.82 21.73 -0.17
N ILE B 113 1.76 21.16 0.40
CA ILE B 113 0.61 20.68 -0.36
C ILE B 113 -0.06 21.82 -1.11
N SER B 114 -0.25 22.94 -0.42
CA SER B 114 -0.89 24.11 -1.01
C SER B 114 -0.15 24.58 -2.27
N LYS B 115 1.18 24.64 -2.19
CA LYS B 115 2.02 25.07 -3.30
C LYS B 115 2.08 24.09 -4.48
N LEU B 116 2.23 22.79 -4.22
CA LEU B 116 2.29 21.85 -5.33
C LEU B 116 0.97 21.85 -6.10
N GLN B 117 -0.13 22.12 -5.40
CA GLN B 117 -1.44 22.16 -6.03
C GLN B 117 -1.50 23.31 -7.04
N ASP B 118 -1.01 24.49 -6.66
CA ASP B 118 -1.05 25.64 -7.57
C ASP B 118 -0.11 25.42 -8.75
N GLU B 119 1.06 24.84 -8.49
CA GLU B 119 2.03 24.56 -9.54
C GLU B 119 1.43 23.65 -10.60
N PHE B 120 0.88 22.51 -10.16
CA PHE B 120 0.29 21.54 -11.07
C PHE B 120 -0.81 22.16 -11.97
N GLU B 121 -1.66 22.99 -11.38
CA GLU B 121 -2.73 23.60 -12.16
C GLU B 121 -2.18 24.56 -13.24
N ASN B 122 -1.26 25.43 -12.83
CA ASN B 122 -0.66 26.37 -13.78
C ASN B 122 0.13 25.66 -14.87
N ARG B 123 0.96 24.68 -14.50
CA ARG B 123 1.78 23.98 -15.51
C ARG B 123 0.96 23.15 -16.49
N THR B 124 -0.05 22.41 -16.00
CA THR B 124 -0.86 21.60 -16.91
C THR B 124 -1.76 22.48 -17.78
N ARG B 125 -2.32 23.54 -17.21
CA ARG B 125 -3.18 24.43 -17.99
C ARG B 125 -2.39 25.18 -19.05
N ASN B 126 -1.16 25.59 -18.74
CA ASN B 126 -0.35 26.30 -19.73
C ASN B 126 -0.10 25.38 -20.93
N VAL B 127 0.16 24.10 -20.69
CA VAL B 127 0.40 23.16 -21.77
C VAL B 127 -0.89 22.96 -22.57
N ASP B 128 -2.00 22.75 -21.87
CA ASP B 128 -3.31 22.53 -22.50
C ASP B 128 -3.76 23.68 -23.41
N VAL B 129 -3.30 24.89 -23.13
CA VAL B 129 -3.63 26.03 -23.98
C VAL B 129 -3.19 25.75 -25.43
N TYR B 130 -2.03 25.11 -25.60
CA TYR B 130 -1.51 24.79 -26.93
C TYR B 130 -2.05 23.46 -27.49
N ASP B 131 -2.01 22.42 -26.66
CA ASP B 131 -2.44 21.08 -27.08
C ASP B 131 -3.94 20.86 -27.28
N LYS B 132 -4.77 21.80 -26.80
CA LYS B 132 -6.22 21.65 -26.95
C LYS B 132 -6.89 22.71 -27.83
N ARG B 133 -6.11 23.52 -28.53
CA ARG B 133 -6.71 24.52 -29.40
C ARG B 133 -6.99 23.84 -30.74
N GLU B 134 -7.60 24.57 -31.68
CA GLU B 134 -7.87 24.01 -33.00
C GLU B 134 -6.82 24.32 -34.06
N ASN B 135 -6.18 25.47 -33.98
CA ASN B 135 -5.17 25.85 -34.96
C ASN B 135 -3.83 25.20 -34.66
N PRO B 136 -3.23 24.54 -35.67
CA PRO B 136 -1.93 23.92 -35.40
C PRO B 136 -0.91 24.98 -34.98
N LEU B 137 0.10 24.56 -34.24
CA LEU B 137 1.11 25.49 -33.77
C LEU B 137 1.95 26.10 -34.89
N LEU B 138 2.32 27.36 -34.69
CA LEU B 138 3.15 28.10 -35.62
C LEU B 138 4.57 27.86 -35.13
N PRO B 139 5.57 28.07 -36.02
CA PRO B 139 6.98 27.87 -35.67
C PRO B 139 7.43 28.59 -34.38
N GLU B 140 7.03 29.85 -34.25
CA GLU B 140 7.40 30.66 -33.08
C GLU B 140 6.76 30.24 -31.76
N GLU B 141 5.78 29.34 -31.81
CA GLU B 141 5.11 28.89 -30.59
C GLU B 141 5.70 27.59 -30.04
N GLU B 142 5.98 26.64 -30.93
CA GLU B 142 6.52 25.35 -30.54
C GLU B 142 7.64 25.43 -29.52
N GLU B 143 8.42 26.51 -29.56
CA GLU B 143 9.50 26.70 -28.60
C GLU B 143 8.90 26.92 -27.20
N GLN B 144 7.79 27.65 -27.15
CA GLN B 144 7.08 27.94 -25.90
C GLN B 144 6.39 26.66 -25.41
N ARG B 145 5.79 25.92 -26.33
CA ARG B 145 5.10 24.69 -26.01
C ARG B 145 6.09 23.64 -25.47
N ALA B 146 7.23 23.51 -26.14
CA ALA B 146 8.26 22.55 -25.71
C ALA B 146 8.71 22.86 -24.29
N ILE B 147 9.00 24.13 -24.04
CA ILE B 147 9.43 24.55 -22.70
C ILE B 147 8.36 24.21 -21.66
N ALA B 148 7.09 24.47 -21.99
CA ALA B 148 5.98 24.19 -21.08
C ALA B 148 5.79 22.69 -20.79
N LYS B 149 6.02 21.84 -21.80
CA LYS B 149 5.89 20.39 -21.65
C LYS B 149 6.89 19.86 -20.63
N ILE B 150 8.12 20.33 -20.73
CA ILE B 150 9.18 19.91 -19.82
C ILE B 150 8.86 20.27 -18.36
N LYS B 151 8.43 21.49 -18.09
CA LYS B 151 8.10 21.86 -16.72
C LYS B 151 6.91 21.07 -16.17
N MET B 152 6.00 20.69 -17.06
CA MET B 152 4.82 19.91 -16.66
C MET B 152 5.23 18.50 -16.21
N LEU B 153 5.93 17.78 -17.07
CA LEU B 153 6.37 16.43 -16.76
C LEU B 153 7.35 16.43 -15.58
N GLY B 154 8.14 17.48 -15.47
CA GLY B 154 9.07 17.57 -14.36
C GLY B 154 8.29 17.77 -13.07
N ASN B 155 7.19 18.51 -13.17
CA ASN B 155 6.35 18.77 -12.01
C ASN B 155 5.66 17.47 -11.54
N ILE B 156 5.10 16.72 -12.48
CA ILE B 156 4.42 15.48 -12.12
C ILE B 156 5.41 14.47 -11.50
N LYS B 157 6.63 14.43 -12.03
CA LYS B 157 7.65 13.53 -11.51
C LYS B 157 7.94 13.79 -10.04
N PHE B 158 8.19 15.06 -9.70
CA PHE B 158 8.48 15.46 -8.33
C PHE B 158 7.27 15.17 -7.42
N ILE B 159 6.07 15.35 -7.96
CA ILE B 159 4.85 15.08 -7.18
C ILE B 159 4.75 13.58 -6.84
N GLY B 160 5.19 12.73 -7.76
CA GLY B 160 5.16 11.31 -7.50
C GLY B 160 6.12 10.92 -6.39
N GLU B 161 7.34 11.47 -6.45
CA GLU B 161 8.34 11.20 -5.43
C GLU B 161 7.85 11.69 -4.08
N LEU B 162 7.09 12.78 -4.09
CA LEU B 162 6.53 13.33 -2.86
C LEU B 162 5.43 12.41 -2.35
N GLY B 163 4.66 11.86 -3.28
CA GLY B 163 3.56 10.96 -2.92
C GLY B 163 4.03 9.66 -2.28
N LYS B 164 5.25 9.27 -2.61
CA LYS B 164 5.84 8.04 -2.07
C LYS B 164 6.12 8.15 -0.58
N LEU B 165 6.41 9.37 -0.12
CA LEU B 165 6.74 9.64 1.28
C LEU B 165 5.57 10.23 2.06
N ASP B 166 4.38 10.15 1.48
CA ASP B 166 3.15 10.67 2.08
C ASP B 166 3.15 12.18 2.35
N LEU B 167 3.78 12.95 1.45
CA LEU B 167 3.84 14.41 1.59
C LEU B 167 2.83 15.06 0.66
N ILE B 168 2.17 14.23 -0.14
CA ILE B 168 1.16 14.64 -1.11
C ILE B 168 -0.06 13.71 -0.98
N HIS B 169 -1.27 14.24 -1.11
CA HIS B 169 -2.48 13.42 -1.00
C HIS B 169 -2.88 12.72 -2.29
N GLU B 170 -3.81 11.77 -2.18
CA GLU B 170 -4.26 10.96 -3.32
C GLU B 170 -4.99 11.69 -4.45
N SER B 171 -5.77 12.72 -4.13
CA SER B 171 -6.50 13.43 -5.16
C SER B 171 -5.64 14.02 -6.27
N ILE B 172 -4.50 14.61 -5.93
CA ILE B 172 -3.65 15.21 -6.94
C ILE B 172 -2.90 14.14 -7.76
N LEU B 173 -2.67 12.98 -7.15
CA LEU B 173 -2.00 11.88 -7.86
C LEU B 173 -2.95 11.41 -8.98
N HIS B 174 -4.26 11.35 -8.67
CA HIS B 174 -5.27 10.95 -9.66
C HIS B 174 -5.33 12.00 -10.80
N LYS B 175 -5.13 13.28 -10.45
CA LYS B 175 -5.13 14.36 -11.46
C LYS B 175 -4.00 14.11 -12.44
N CYS B 176 -2.86 13.67 -11.92
CA CYS B 176 -1.70 13.37 -12.75
C CYS B 176 -2.00 12.23 -13.73
N ILE B 177 -2.49 11.10 -13.21
CA ILE B 177 -2.80 9.94 -14.04
C ILE B 177 -3.71 10.40 -15.18
N LYS B 178 -4.82 11.03 -14.81
CA LYS B 178 -5.81 11.50 -15.77
C LYS B 178 -5.32 12.38 -16.90
N THR B 179 -4.52 13.39 -16.61
CA THR B 179 -4.04 14.27 -17.68
C THR B 179 -3.02 13.58 -18.60
N LEU B 180 -2.31 12.58 -18.10
CA LEU B 180 -1.32 11.87 -18.92
C LEU B 180 -1.96 10.90 -19.91
N LEU B 181 -3.15 10.42 -19.58
CA LEU B 181 -3.88 9.47 -20.42
C LEU B 181 -4.83 10.12 -21.42
N GLU B 182 -5.20 11.37 -21.15
CA GLU B 182 -6.15 12.12 -21.97
C GLU B 182 -5.74 12.43 -23.40
N LYS B 183 -6.62 12.06 -24.34
CA LYS B 183 -6.36 12.34 -25.74
C LYS B 183 -6.56 13.85 -25.95
N LYS B 184 -5.59 14.50 -26.59
CA LYS B 184 -5.67 15.94 -26.81
C LYS B 184 -5.63 16.30 -28.29
N LYS B 185 -6.62 17.08 -28.71
CA LYS B 185 -6.82 17.52 -30.08
C LYS B 185 -5.58 17.72 -30.96
N ARG B 186 -4.64 18.53 -30.50
CA ARG B 186 -3.43 18.84 -31.25
C ARG B 186 -2.30 17.81 -31.17
N VAL B 187 -2.46 16.77 -30.35
CA VAL B 187 -1.42 15.75 -30.22
C VAL B 187 -1.81 14.39 -30.76
N GLN B 188 -1.06 13.93 -31.77
CA GLN B 188 -1.32 12.63 -32.39
C GLN B 188 -0.87 11.51 -31.48
N LEU B 189 -1.55 10.38 -31.58
CA LEU B 189 -1.26 9.20 -30.77
C LEU B 189 0.21 8.79 -30.84
N LYS B 190 0.80 8.85 -32.04
CA LYS B 190 2.20 8.46 -32.18
C LYS B 190 3.18 9.35 -31.42
N ASP B 191 2.69 10.46 -30.86
CA ASP B 191 3.54 11.39 -30.13
C ASP B 191 3.30 11.44 -28.63
N MET B 192 2.48 10.52 -28.11
CA MET B 192 2.19 10.48 -26.68
C MET B 192 3.26 9.73 -25.87
N GLY B 193 4.34 9.35 -26.56
CA GLY B 193 5.41 8.59 -25.93
C GLY B 193 5.92 8.98 -24.55
N GLU B 194 6.39 10.21 -24.41
CA GLU B 194 6.92 10.68 -23.13
C GLU B 194 5.89 10.75 -22.01
N ASP B 195 4.65 11.08 -22.37
CA ASP B 195 3.58 11.17 -21.37
C ASP B 195 3.31 9.80 -20.76
N LEU B 196 3.25 8.78 -21.61
CA LEU B 196 2.96 7.42 -21.14
C LEU B 196 4.12 6.81 -20.34
N GLU B 197 5.36 7.21 -20.63
CA GLU B 197 6.53 6.72 -19.86
C GLU B 197 6.40 7.31 -18.46
N CYS B 198 6.12 8.61 -18.41
CA CYS B 198 5.93 9.31 -17.14
C CYS B 198 4.75 8.68 -16.41
N LEU B 199 3.71 8.27 -17.15
CA LEU B 199 2.57 7.63 -16.51
C LEU B 199 2.94 6.28 -15.87
N CYS B 200 3.68 5.43 -16.59
CA CYS B 200 4.07 4.12 -16.05
C CYS B 200 4.98 4.29 -14.82
N GLN B 201 5.75 5.36 -14.80
CA GLN B 201 6.61 5.65 -13.66
C GLN B 201 5.74 5.99 -12.43
N ILE B 202 4.71 6.80 -12.61
CA ILE B 202 3.83 7.16 -11.50
C ILE B 202 3.07 5.94 -10.92
N MET B 203 2.51 5.12 -11.79
CA MET B 203 1.77 3.93 -11.35
C MET B 203 2.65 2.97 -10.55
N ARG B 204 3.90 2.80 -10.99
CA ARG B 204 4.80 1.91 -10.28
C ARG B 204 5.20 2.44 -8.91
N THR B 205 5.34 3.76 -8.76
CA THR B 205 5.74 4.29 -7.47
C THR B 205 4.56 4.49 -6.51
N VAL B 206 3.41 4.93 -7.02
CA VAL B 206 2.28 5.19 -6.13
C VAL B 206 1.01 4.37 -6.42
N GLY B 207 0.99 3.65 -7.53
CA GLY B 207 -0.19 2.85 -7.86
C GLY B 207 -0.71 1.91 -6.77
N PRO B 208 0.15 1.09 -6.16
CA PRO B 208 -0.29 0.17 -5.10
C PRO B 208 -1.02 0.81 -3.91
N ARG B 209 -0.65 2.03 -3.55
CA ARG B 209 -1.31 2.66 -2.42
C ARG B 209 -2.60 3.36 -2.83
N LEU B 210 -2.82 3.51 -4.14
CA LEU B 210 -4.03 4.13 -4.63
C LEU B 210 -5.11 3.09 -4.88
N ASP B 211 -4.71 1.86 -5.16
CA ASP B 211 -5.64 0.77 -5.46
C ASP B 211 -6.46 0.22 -4.27
N HIS B 212 -7.34 1.04 -3.71
CA HIS B 212 -8.19 0.61 -2.59
C HIS B 212 -9.44 0.00 -3.19
N GLU B 213 -10.09 -0.89 -2.45
CA GLU B 213 -11.31 -1.55 -2.93
C GLU B 213 -12.39 -0.59 -3.46
N ARG B 214 -12.65 0.49 -2.73
CA ARG B 214 -13.68 1.44 -3.16
C ARG B 214 -13.28 2.29 -4.39
N ALA B 215 -12.00 2.27 -4.75
CA ALA B 215 -11.52 3.02 -5.91
C ALA B 215 -11.31 2.10 -7.12
N LYS B 216 -11.74 0.85 -6.97
CA LYS B 216 -11.60 -0.16 -8.01
C LYS B 216 -12.18 0.25 -9.36
N SER B 217 -13.35 0.86 -9.34
CA SER B 217 -14.02 1.30 -10.55
C SER B 217 -13.22 2.36 -11.32
N LEU B 218 -12.57 3.26 -10.58
CA LEU B 218 -11.76 4.33 -11.17
C LEU B 218 -10.47 3.76 -11.77
N MET B 219 -9.72 3.00 -10.97
CA MET B 219 -8.45 2.38 -11.40
C MET B 219 -8.64 1.41 -12.58
N ASP B 220 -9.80 0.73 -12.61
CA ASP B 220 -10.10 -0.19 -13.71
C ASP B 220 -10.22 0.60 -15.02
N GLN B 221 -10.71 1.84 -14.94
CA GLN B 221 -10.83 2.67 -16.16
C GLN B 221 -9.44 3.01 -16.69
N TYR B 222 -8.56 3.46 -15.80
CA TYR B 222 -7.20 3.80 -16.20
C TYR B 222 -6.53 2.63 -16.93
N PHE B 223 -6.57 1.45 -16.33
CA PHE B 223 -5.93 0.29 -16.94
C PHE B 223 -6.61 -0.23 -18.19
N ALA B 224 -7.90 0.02 -18.33
CA ALA B 224 -8.62 -0.39 -19.54
C ALA B 224 -8.11 0.54 -20.64
N ARG B 225 -7.82 1.78 -20.28
CA ARG B 225 -7.32 2.76 -21.23
C ARG B 225 -5.88 2.39 -21.64
N MET B 226 -5.06 1.99 -20.68
CA MET B 226 -3.70 1.58 -20.97
C MET B 226 -3.71 0.36 -21.90
N CYS B 227 -4.66 -0.56 -21.70
CA CYS B 227 -4.78 -1.76 -22.53
C CYS B 227 -5.08 -1.41 -24.00
N SER B 228 -5.93 -0.41 -24.24
CA SER B 228 -6.24 -0.01 -25.62
C SER B 228 -5.02 0.59 -26.29
N LEU B 229 -4.36 1.52 -25.60
CA LEU B 229 -3.18 2.19 -26.14
C LEU B 229 -2.05 1.22 -26.51
N MET B 230 -1.83 0.20 -25.70
CA MET B 230 -0.77 -0.76 -25.98
C MET B 230 -1.03 -1.59 -27.24
N LEU B 231 -2.28 -1.67 -27.67
CA LEU B 231 -2.62 -2.42 -28.87
C LEU B 231 -2.43 -1.59 -30.15
N SER B 232 -2.31 -0.27 -29.98
CA SER B 232 -2.14 0.63 -31.12
C SER B 232 -0.75 0.54 -31.74
N LYS B 233 -0.71 0.23 -33.02
CA LYS B 233 0.55 0.11 -33.74
C LYS B 233 1.13 1.48 -34.09
N GLU B 234 0.40 2.53 -33.73
CA GLU B 234 0.82 3.91 -33.98
C GLU B 234 1.89 4.32 -32.95
N LEU B 235 1.90 3.62 -31.81
CA LEU B 235 2.86 3.88 -30.75
C LEU B 235 4.17 3.11 -30.94
N PRO B 236 5.30 3.71 -30.54
CA PRO B 236 6.61 3.05 -30.67
C PRO B 236 6.62 1.73 -29.87
N ALA B 237 7.26 0.70 -30.43
CA ALA B 237 7.34 -0.61 -29.78
C ALA B 237 7.74 -0.59 -28.32
N ARG B 238 8.74 0.21 -27.96
CA ARG B 238 9.18 0.29 -26.57
C ARG B 238 8.07 0.75 -25.63
N ILE B 239 7.32 1.77 -26.04
CA ILE B 239 6.24 2.26 -25.22
C ILE B 239 5.17 1.18 -25.04
N ARG B 240 4.80 0.51 -26.13
CA ARG B 240 3.79 -0.55 -26.07
C ARG B 240 4.07 -1.64 -25.01
N PHE B 241 5.25 -2.26 -25.02
CA PHE B 241 5.48 -3.29 -24.00
C PHE B 241 5.79 -2.71 -22.62
N LEU B 242 6.04 -1.40 -22.55
CA LEU B 242 6.29 -0.75 -21.26
C LEU B 242 4.92 -0.71 -20.55
N LEU B 243 3.87 -0.40 -21.31
CA LEU B 243 2.50 -0.36 -20.78
C LEU B 243 2.07 -1.78 -20.40
N GLN B 244 2.39 -2.71 -21.29
CA GLN B 244 2.07 -4.12 -21.09
C GLN B 244 2.57 -4.60 -19.72
N ASP B 245 3.88 -4.48 -19.49
CA ASP B 245 4.49 -4.89 -18.23
C ASP B 245 3.86 -4.19 -17.02
N THR B 246 3.48 -2.93 -17.17
CA THR B 246 2.87 -2.20 -16.07
C THR B 246 1.48 -2.79 -15.75
N VAL B 247 0.70 -3.08 -16.80
CA VAL B 247 -0.64 -3.67 -16.65
C VAL B 247 -0.57 -5.04 -15.97
N GLU B 248 0.36 -5.88 -16.42
CA GLU B 248 0.54 -7.21 -15.85
C GLU B 248 0.85 -7.13 -14.36
N LEU B 249 1.63 -6.14 -13.95
CA LEU B 249 1.97 -5.99 -12.54
C LEU B 249 0.69 -5.81 -11.72
N ARG B 250 -0.19 -4.91 -12.16
CA ARG B 250 -1.44 -4.65 -11.46
C ARG B 250 -2.34 -5.88 -11.43
N GLU B 251 -2.37 -6.62 -12.55
CA GLU B 251 -3.19 -7.83 -12.63
C GLU B 251 -2.74 -8.81 -11.55
N HIS B 252 -1.46 -8.74 -11.18
CA HIS B 252 -0.93 -9.61 -10.14
C HIS B 252 -1.03 -8.97 -8.75
N HIS B 253 -1.99 -8.06 -8.60
CA HIS B 253 -2.23 -7.38 -7.33
C HIS B 253 -0.96 -6.68 -6.83
N TRP B 254 -0.18 -6.14 -7.76
CA TRP B 254 1.06 -5.44 -7.43
C TRP B 254 2.15 -6.26 -6.74
N VAL B 255 2.04 -7.58 -6.78
CA VAL B 255 3.07 -8.44 -6.19
C VAL B 255 4.13 -8.64 -7.27
N PRO B 256 5.39 -8.25 -6.98
CA PRO B 256 6.48 -8.39 -7.95
C PRO B 256 6.96 -9.83 -8.14
S SO4 C . -1.42 -36.47 10.59
O1 SO4 C . -0.79 -35.22 11.04
O2 SO4 C . -2.18 -36.23 9.35
O3 SO4 C . -0.36 -37.48 10.34
O4 SO4 C . -2.33 -36.96 11.63
S SO4 D . -19.00 -23.35 -5.29
O1 SO4 D . -20.35 -22.87 -4.98
O2 SO4 D . -18.45 -22.59 -6.42
O3 SO4 D . -18.14 -23.18 -4.11
O4 SO4 D . -19.05 -24.79 -5.65
S SO4 E . -4.76 -4.51 -36.12
O1 SO4 E . -4.59 -3.06 -35.88
O2 SO4 E . -4.84 -4.77 -37.57
O3 SO4 E . -3.62 -5.24 -35.55
O4 SO4 E . -6.01 -4.96 -35.48
S SO4 F . -4.52 9.76 -33.82
O1 SO4 F . -3.83 11.05 -33.60
O2 SO4 F . -5.56 9.93 -34.86
O3 SO4 F . -3.55 8.74 -34.25
O4 SO4 F . -5.16 9.33 -32.56
S SO4 G . 7.87 30.69 -15.11
O1 SO4 G . 8.20 32.12 -15.15
O2 SO4 G . 7.16 30.33 -16.34
O3 SO4 G . 9.12 29.89 -15.00
O4 SO4 G . 7.02 30.40 -13.94
#